data_5H7R
#
_entry.id   5H7R
#
_cell.length_a   92.375
_cell.length_b   92.375
_cell.length_c   84.410
_cell.angle_alpha   90.00
_cell.angle_beta   90.00
_cell.angle_gamma   120.00
#
_symmetry.space_group_name_H-M   'P 62 2 2'
#
loop_
_entity.id
_entity.type
_entity.pdbx_description
1 polymer 'E3 ubiquitin-protein ligase LNX'
2 non-polymer 'ZINC ION'
3 water water
#
_entity_poly.entity_id   1
_entity_poly.type   'polypeptide(L)'
_entity_poly.pdbx_seq_one_letter_code
;EPLCAVCGQAHSLEENHFYSYPEEVDDDLICHICLQALLDPLDTPCGHTYCTLCLTNFLVEKDFCPMDRKPLVLQHCKKS
SILVNKLLNKLLVTCPFREHCTQVLQRCDLEHHFQTSCKGASHYGLTK
;
_entity_poly.pdbx_strand_id   D
#
# COMPACT_ATOMS: atom_id res chain seq x y z
N PRO A 2 4.04 5.00 -16.97
CA PRO A 2 2.60 5.23 -16.94
C PRO A 2 2.11 5.71 -15.56
N LEU A 3 1.52 6.90 -15.52
CA LEU A 3 1.16 7.54 -14.25
C LEU A 3 -0.16 6.98 -13.73
N CYS A 4 -0.15 6.51 -12.49
CA CYS A 4 -1.32 5.87 -11.91
C CYS A 4 -2.34 6.90 -11.46
N ALA A 5 -3.60 6.72 -11.87
CA ALA A 5 -4.68 7.63 -11.50
C ALA A 5 -5.10 7.52 -10.02
N VAL A 6 -4.77 6.40 -9.38
CA VAL A 6 -5.12 6.18 -7.98
C VAL A 6 -4.11 6.83 -7.03
N CYS A 7 -2.80 6.59 -7.24
CA CYS A 7 -1.74 7.11 -6.35
C CYS A 7 -0.86 8.20 -6.96
N GLY A 8 -0.99 8.49 -8.25
CA GLY A 8 -0.20 9.55 -8.88
C GLY A 8 1.28 9.26 -9.06
N GLN A 9 1.67 7.98 -8.98
CA GLN A 9 3.06 7.57 -9.18
C GLN A 9 3.17 6.77 -10.45
N ALA A 10 4.40 6.69 -10.97
CA ALA A 10 4.68 5.88 -12.15
C ALA A 10 4.97 4.43 -11.72
N HIS A 11 4.01 3.55 -11.95
CA HIS A 11 4.19 2.12 -11.68
C HIS A 11 3.28 1.30 -12.58
N SER A 12 3.65 0.04 -12.79
CA SER A 12 2.89 -0.85 -13.67
C SER A 12 1.66 -1.41 -12.95
N LEU A 13 0.76 -2.00 -13.72
CA LEU A 13 -0.43 -2.67 -13.16
C LEU A 13 -0.07 -3.86 -12.26
N GLU A 14 1.14 -4.40 -12.43
CA GLU A 14 1.65 -5.52 -11.62
C GLU A 14 2.33 -5.11 -10.32
N GLU A 15 2.49 -3.80 -10.07
CA GLU A 15 3.15 -3.27 -8.87
C GLU A 15 2.16 -2.63 -7.91
N ASN A 16 2.53 -2.56 -6.64
CA ASN A 16 1.74 -1.82 -5.65
C ASN A 16 1.67 -0.32 -5.98
N HIS A 17 0.57 0.28 -5.55
CA HIS A 17 0.51 1.71 -5.24
C HIS A 17 1.70 2.12 -4.38
N PHE A 18 2.17 3.35 -4.56
CA PHE A 18 3.31 3.88 -3.82
C PHE A 18 2.95 5.22 -3.19
N TYR A 19 3.37 5.41 -1.93
CA TYR A 19 3.07 6.64 -1.19
C TYR A 19 4.31 7.17 -0.45
N SER A 20 4.32 8.49 -0.26
CA SER A 20 5.32 9.20 0.54
C SER A 20 4.65 9.65 1.83
N TYR A 21 5.19 9.19 2.96
CA TYR A 21 4.58 9.41 4.27
C TYR A 21 5.39 10.48 5.00
N PRO A 22 4.80 11.66 5.26
CA PRO A 22 5.57 12.73 5.91
C PRO A 22 5.84 12.48 7.40
N GLU A 23 4.92 11.79 8.09
CA GLU A 23 5.08 11.38 9.49
C GLU A 23 5.48 9.90 9.51
N GLU A 24 6.40 9.50 10.39
CA GLU A 24 6.87 8.10 10.32
C GLU A 24 5.74 7.11 10.63
N VAL A 25 5.74 6.00 9.89
CA VAL A 25 4.74 4.96 10.06
C VAL A 25 5.24 3.94 11.08
N ASP A 26 4.35 3.51 11.98
CA ASP A 26 4.63 2.45 12.94
C ASP A 26 5.22 1.22 12.24
N ASP A 27 6.35 0.71 12.75
CA ASP A 27 7.03 -0.45 12.15
C ASP A 27 6.11 -1.67 12.04
N ASP A 28 5.18 -1.81 12.99
CA ASP A 28 4.20 -2.91 12.97
C ASP A 28 3.15 -2.80 11.85
N LEU A 29 3.07 -1.65 11.19
CA LEU A 29 2.24 -1.50 9.97
C LEU A 29 3.02 -1.63 8.65
N ILE A 30 4.30 -1.98 8.73
CA ILE A 30 5.16 -2.12 7.56
C ILE A 30 5.18 -3.58 7.09
N CYS A 31 5.00 -3.76 5.79
CA CYS A 31 5.08 -5.08 5.16
C CYS A 31 6.53 -5.58 5.15
N HIS A 32 6.76 -6.78 5.71
CA HIS A 32 8.11 -7.36 5.76
C HIS A 32 8.71 -7.72 4.39
N ILE A 33 7.87 -7.88 3.36
CA ILE A 33 8.36 -8.18 2.01
C ILE A 33 8.88 -6.93 1.32
N CYS A 34 8.07 -5.88 1.21
CA CYS A 34 8.44 -4.70 0.43
C CYS A 34 9.00 -3.52 1.24
N LEU A 35 8.84 -3.58 2.57
CA LEU A 35 9.30 -2.55 3.50
C LEU A 35 8.57 -1.20 3.38
N GLN A 36 7.37 -1.21 2.81
CA GLN A 36 6.49 -0.05 2.80
C GLN A 36 5.28 -0.34 3.67
N ALA A 37 4.57 0.71 4.06
CA ALA A 37 3.31 0.54 4.80
C ALA A 37 2.35 -0.36 4.00
N LEU A 38 1.69 -1.27 4.72
CA LEU A 38 0.79 -2.26 4.11
C LEU A 38 -0.29 -1.64 3.21
N LEU A 39 -0.50 -2.30 2.07
CA LEU A 39 -1.57 -1.99 1.12
C LEU A 39 -2.35 -3.27 0.82
N ASP A 40 -3.68 -3.21 0.99
CA ASP A 40 -4.59 -4.33 0.76
C ASP A 40 -4.13 -5.52 1.61
N PRO A 41 -4.09 -5.34 2.93
CA PRO A 41 -3.42 -6.32 3.79
C PRO A 41 -4.09 -7.70 3.81
N LEU A 42 -3.26 -8.74 3.82
CA LEU A 42 -3.67 -10.15 3.82
C LEU A 42 -3.04 -10.81 5.03
N ASP A 43 -3.80 -11.60 5.78
CA ASP A 43 -3.30 -12.39 6.92
C ASP A 43 -3.02 -13.83 6.54
N THR A 44 -1.95 -14.39 7.10
CA THR A 44 -1.63 -15.80 6.93
C THR A 44 -2.24 -16.62 8.08
N PRO A 45 -2.39 -17.94 7.90
CA PRO A 45 -2.90 -18.77 9.02
C PRO A 45 -2.00 -18.73 10.28
N CYS A 46 -0.71 -18.49 10.06
CA CYS A 46 0.26 -18.29 11.15
C CYS A 46 0.24 -16.87 11.78
N GLY A 47 -0.69 -16.00 11.36
CA GLY A 47 -0.94 -14.73 12.01
C GLY A 47 -0.11 -13.54 11.53
N HIS A 48 0.59 -13.69 10.42
CA HIS A 48 1.40 -12.62 9.86
C HIS A 48 0.61 -11.90 8.78
N THR A 49 1.07 -10.73 8.39
CA THR A 49 0.30 -9.82 7.50
C THR A 49 1.21 -9.22 6.44
N TYR A 50 0.78 -9.23 5.19
CA TYR A 50 1.58 -8.71 4.08
C TYR A 50 0.65 -8.02 3.12
N CYS A 51 1.18 -7.19 2.24
CA CYS A 51 0.37 -6.66 1.12
C CYS A 51 -0.09 -7.82 0.24
N THR A 52 -1.33 -7.78 -0.22
CA THR A 52 -1.87 -8.84 -1.10
C THR A 52 -0.96 -9.08 -2.29
N LEU A 53 -0.59 -8.01 -2.98
CA LEU A 53 0.27 -8.11 -4.15
C LEU A 53 1.64 -8.71 -3.81
N CYS A 54 2.21 -8.28 -2.68
CA CYS A 54 3.53 -8.75 -2.26
C CYS A 54 3.52 -10.23 -1.94
N LEU A 55 2.54 -10.69 -1.16
CA LEU A 55 2.46 -12.11 -0.79
C LEU A 55 2.12 -12.96 -2.02
N THR A 56 1.28 -12.45 -2.89
CA THR A 56 0.94 -13.17 -4.12
C THR A 56 2.17 -13.41 -4.99
N ASN A 57 2.95 -12.36 -5.24
CA ASN A 57 4.20 -12.47 -6.00
C ASN A 57 5.26 -13.31 -5.27
N PHE A 58 5.34 -13.16 -3.95
CA PHE A 58 6.27 -13.95 -3.14
C PHE A 58 6.03 -15.45 -3.34
N LEU A 59 4.78 -15.86 -3.21
CA LEU A 59 4.42 -17.28 -3.26
C LEU A 59 4.48 -17.92 -4.65
N VAL A 60 4.64 -17.14 -5.72
CA VAL A 60 4.86 -17.69 -7.06
C VAL A 60 6.20 -18.41 -7.14
N GLU A 61 7.25 -17.81 -6.56
CA GLU A 61 8.60 -18.37 -6.59
C GLU A 61 9.12 -18.90 -5.25
N LYS A 62 8.34 -18.79 -4.18
CA LYS A 62 8.70 -19.31 -2.84
C LYS A 62 7.46 -19.96 -2.21
N ASP A 63 7.59 -20.84 -1.20
CA ASP A 63 6.37 -21.46 -0.62
C ASP A 63 6.39 -21.53 0.91
N PHE A 64 6.79 -20.42 1.52
CA PHE A 64 6.80 -20.30 2.98
C PHE A 64 6.47 -18.88 3.44
N CYS A 65 6.04 -18.75 4.69
CA CYS A 65 5.83 -17.45 5.30
C CYS A 65 7.20 -16.81 5.58
N PRO A 66 7.47 -15.61 5.02
CA PRO A 66 8.76 -14.93 5.19
C PRO A 66 9.23 -14.73 6.64
N MET A 67 8.30 -14.59 7.57
CA MET A 67 8.63 -14.29 8.97
C MET A 67 9.04 -15.49 9.83
N ASP A 68 8.49 -16.67 9.53
CA ASP A 68 8.73 -17.88 10.34
C ASP A 68 9.14 -19.15 9.55
N ARG A 69 9.24 -19.04 8.22
CA ARG A 69 9.53 -20.18 7.33
C ARG A 69 8.59 -21.40 7.44
N LYS A 70 7.37 -21.17 7.93
CA LYS A 70 6.33 -22.19 7.95
C LYS A 70 5.78 -22.31 6.53
N PRO A 71 5.55 -23.55 6.06
CA PRO A 71 4.97 -23.70 4.72
C PRO A 71 3.65 -22.93 4.57
N LEU A 72 3.44 -22.35 3.39
CA LEU A 72 2.35 -21.41 3.21
C LEU A 72 1.83 -21.53 1.80
N VAL A 73 0.50 -21.49 1.67
CA VAL A 73 -0.15 -21.35 0.36
C VAL A 73 -1.13 -20.20 0.40
N LEU A 74 -1.37 -19.61 -0.76
CA LEU A 74 -2.16 -18.38 -0.85
C LEU A 74 -3.62 -18.58 -0.48
N GLN A 75 -4.21 -19.70 -0.90
CA GLN A 75 -5.65 -19.95 -0.75
C GLN A 75 -6.20 -20.04 0.69
N HIS A 76 -5.32 -20.23 1.68
CA HIS A 76 -5.73 -20.19 3.10
C HIS A 76 -5.50 -18.82 3.77
N CYS A 77 -4.92 -17.87 3.06
CA CYS A 77 -4.80 -16.49 3.54
C CYS A 77 -6.16 -15.77 3.41
N LYS A 78 -6.37 -14.76 4.26
CA LYS A 78 -7.64 -14.05 4.38
C LYS A 78 -7.38 -12.56 4.51
N LYS A 79 -8.26 -11.72 3.94
CA LYS A 79 -8.10 -10.27 4.06
C LYS A 79 -8.10 -9.87 5.53
N SER A 80 -7.24 -8.90 5.86
CA SER A 80 -7.11 -8.42 7.24
C SER A 80 -8.39 -7.75 7.73
N SER A 81 -8.47 -7.60 9.04
CA SER A 81 -9.67 -7.11 9.70
C SER A 81 -9.98 -5.65 9.36
N ILE A 82 -11.19 -5.23 9.70
CA ILE A 82 -11.61 -3.83 9.50
C ILE A 82 -10.70 -2.87 10.28
N LEU A 83 -10.38 -3.24 11.52
CA LEU A 83 -9.47 -2.48 12.39
C LEU A 83 -8.14 -2.15 11.70
N VAL A 84 -7.49 -3.17 11.14
CA VAL A 84 -6.20 -3.00 10.50
C VAL A 84 -6.35 -2.07 9.29
N ASN A 85 -7.41 -2.26 8.51
CA ASN A 85 -7.65 -1.38 7.36
C ASN A 85 -7.89 0.08 7.77
N LYS A 86 -8.63 0.30 8.85
CA LYS A 86 -8.84 1.65 9.39
C LYS A 86 -7.53 2.33 9.82
N LEU A 87 -6.64 1.58 10.50
CA LEU A 87 -5.34 2.14 10.90
C LEU A 87 -4.46 2.56 9.69
N LEU A 88 -4.53 1.79 8.61
CA LEU A 88 -3.74 2.07 7.41
C LEU A 88 -4.35 3.20 6.57
N ASN A 89 -5.67 3.20 6.45
CA ASN A 89 -6.39 4.23 5.68
C ASN A 89 -6.15 5.64 6.18
N LYS A 90 -5.94 5.81 7.48
CA LYS A 90 -5.75 7.13 8.06
C LYS A 90 -4.31 7.63 8.12
N LEU A 91 -3.35 6.82 7.64
CA LEU A 91 -1.96 7.26 7.53
C LEU A 91 -1.88 8.46 6.59
N LEU A 92 -1.12 9.46 7.00
CA LEU A 92 -0.95 10.67 6.21
C LEU A 92 0.04 10.48 5.06
N VAL A 93 -0.30 11.01 3.89
CA VAL A 93 0.58 10.97 2.72
C VAL A 93 0.71 12.36 2.09
N THR A 94 1.82 12.58 1.40
CA THR A 94 2.09 13.84 0.71
C THR A 94 1.73 13.67 -0.77
N CYS A 95 0.93 14.60 -1.29
CA CYS A 95 0.59 14.57 -2.71
C CYS A 95 1.88 14.49 -3.55
N PRO A 96 1.94 13.54 -4.51
CA PRO A 96 3.17 13.40 -5.30
C PRO A 96 3.43 14.51 -6.34
N PHE A 97 2.43 15.34 -6.63
CA PHE A 97 2.59 16.42 -7.62
C PHE A 97 3.18 17.65 -6.93
N ARG A 98 4.43 17.52 -6.49
CA ARG A 98 5.03 18.49 -5.57
C ARG A 98 5.32 19.85 -6.19
N GLU A 99 5.49 19.90 -7.50
CA GLU A 99 5.67 21.18 -8.20
C GLU A 99 4.37 21.97 -8.33
N HIS A 100 3.21 21.32 -8.15
CA HIS A 100 1.90 21.97 -8.25
C HIS A 100 1.10 22.05 -6.94
N CYS A 101 1.40 21.18 -5.98
CA CYS A 101 0.51 20.97 -4.85
C CYS A 101 1.32 20.58 -3.63
N THR A 102 0.87 21.03 -2.45
CA THR A 102 1.52 20.74 -1.17
C THR A 102 0.66 19.89 -0.23
N GLN A 103 -0.47 19.40 -0.73
CA GLN A 103 -1.51 18.80 0.10
C GLN A 103 -1.02 17.54 0.82
N VAL A 104 -1.23 17.51 2.13
CA VAL A 104 -1.08 16.30 2.92
C VAL A 104 -2.49 15.83 3.26
N LEU A 105 -2.74 14.55 3.10
CA LEU A 105 -4.04 14.01 3.49
C LEU A 105 -3.98 12.52 3.81
N GLN A 106 -5.10 12.00 4.29
CA GLN A 106 -5.20 10.59 4.63
C GLN A 106 -5.09 9.76 3.34
N ARG A 107 -4.43 8.62 3.44
CA ARG A 107 -4.13 7.78 2.29
C ARG A 107 -5.39 7.37 1.51
N CYS A 108 -6.47 7.08 2.24
CA CYS A 108 -7.74 6.68 1.63
C CYS A 108 -8.42 7.82 0.84
N ASP A 109 -7.96 9.06 1.03
CA ASP A 109 -8.53 10.25 0.37
C ASP A 109 -7.71 10.84 -0.79
N LEU A 110 -6.52 10.28 -1.07
CA LEU A 110 -5.66 10.85 -2.11
C LEU A 110 -6.27 10.76 -3.52
N GLU A 111 -6.87 9.62 -3.86
CA GLU A 111 -7.51 9.46 -5.16
C GLU A 111 -8.60 10.51 -5.38
N HIS A 112 -9.45 10.69 -4.37
CA HIS A 112 -10.52 11.70 -4.42
C HIS A 112 -9.96 13.11 -4.62
N HIS A 113 -8.88 13.42 -3.91
CA HIS A 113 -8.14 14.68 -4.07
C HIS A 113 -7.71 14.91 -5.52
N PHE A 114 -7.17 13.88 -6.17
CA PHE A 114 -6.80 13.96 -7.58
C PHE A 114 -8.00 14.29 -8.46
N GLN A 115 -9.12 13.65 -8.18
CA GLN A 115 -10.33 13.80 -9.01
C GLN A 115 -11.03 15.13 -8.86
N THR A 116 -10.88 15.79 -7.70
CA THR A 116 -11.67 16.97 -7.35
C THR A 116 -10.91 18.29 -7.22
N SER A 117 -9.71 18.27 -6.64
CA SER A 117 -9.05 19.52 -6.21
C SER A 117 -7.53 19.48 -6.12
N CYS A 118 -6.89 18.81 -7.06
CA CYS A 118 -5.45 18.85 -7.14
C CYS A 118 -5.07 19.50 -8.44
N LYS A 119 -4.25 20.55 -8.34
CA LYS A 119 -3.76 21.26 -9.54
C LYS A 119 -2.75 20.41 -10.33
N GLY A 120 -1.96 19.61 -9.63
CA GLY A 120 -1.11 18.59 -10.27
C GLY A 120 -1.80 17.58 -11.16
N ALA A 121 -2.75 16.82 -10.61
CA ALA A 121 -3.60 15.89 -11.37
C ALA A 121 -4.29 16.54 -12.57
N SER A 122 -4.81 17.76 -12.38
CA SER A 122 -5.41 18.53 -13.50
C SER A 122 -4.41 18.75 -14.63
N HIS A 123 -3.21 19.18 -14.26
CA HIS A 123 -2.11 19.40 -15.22
C HIS A 123 -1.57 18.10 -15.81
N TYR A 124 -1.52 17.06 -14.97
CA TYR A 124 -0.84 15.77 -15.20
C TYR A 124 0.67 15.85 -14.89
N GLY A 125 1.56 15.68 -15.87
CA GLY A 125 3.01 15.58 -15.64
C GLY A 125 3.58 16.35 -14.46
#